data_2UY4
#
_entry.id   2UY4
#
_cell.length_a   73.449
_cell.length_b   113.516
_cell.length_c   37.493
_cell.angle_alpha   90.00
_cell.angle_beta   90.00
_cell.angle_gamma   90.00
#
_symmetry.space_group_name_H-M   'P 21 21 2'
#
loop_
_entity.id
_entity.type
_entity.pdbx_description
1 polymer ENDOCHITINASE
2 non-polymer 5-ACETAMIDO-1,3,4-THIADIAZOLE-2-SULFONAMIDE
3 water water
#
_entity_poly.entity_id   1
_entity_poly.type   'polypeptide(L)'
_entity_poly.pdbx_seq_one_letter_code
;DRSANTNIAVYWGQNSAGTQESLATYCESSDADIFLLSFLNQFPTLGLNFANACSDTFSDGLLHCTQIAEDIETCQSLGK
KVLLSLGGASGSYLFSDDSQAETFAQTLWDTFGEGTGASERPFDSAVVDGFDFDIENNNEVGYSALATKLRTLFAEGTKQ
YYLSAAPQCPYPDASVGDLLENADIDFAFIQFYNNYCSVSGQFNWDTWLTYAQTVSPNKNIKLFLGLPGSASAAGSGYIS
DTSLLESTIADIASSSSFGGIALWDASQAFSNELNGEPYVEILKNLLTSASQTA
;
_entity_poly.pdbx_strand_id   A
#
# COMPACT_ATOMS: atom_id res chain seq x y z
N THR A 6 14.33 -3.77 7.61
CA THR A 6 13.71 -2.94 6.55
C THR A 6 13.20 -3.80 5.38
N ASN A 7 12.23 -3.28 4.68
CA ASN A 7 11.45 -4.05 3.75
C ASN A 7 11.26 -3.30 2.44
N ILE A 8 10.98 -4.03 1.36
CA ILE A 8 10.56 -3.43 0.09
C ILE A 8 9.08 -3.75 -0.07
N ALA A 9 8.28 -2.71 -0.28
CA ALA A 9 6.84 -2.88 -0.58
C ALA A 9 6.62 -2.57 -2.04
N VAL A 10 5.72 -3.32 -2.68
CA VAL A 10 5.43 -3.04 -4.05
C VAL A 10 3.96 -3.03 -4.22
N TYR A 11 3.49 -2.04 -4.98
CA TYR A 11 2.09 -2.04 -5.45
C TYR A 11 1.99 -3.06 -6.58
N TRP A 12 0.88 -3.77 -6.70
CA TRP A 12 0.73 -4.74 -7.77
C TRP A 12 -0.74 -4.74 -8.13
N GLY A 13 -1.01 -4.86 -9.42
CA GLY A 13 -2.38 -5.04 -9.88
C GLY A 13 -2.81 -4.15 -11.04
N GLN A 14 -2.22 -2.96 -11.14
CA GLN A 14 -2.64 -1.98 -12.15
C GLN A 14 -1.82 -2.02 -13.44
N ASN A 15 -0.80 -2.89 -13.47
CA ASN A 15 -0.04 -3.15 -14.69
C ASN A 15 0.53 -1.87 -15.32
N SER A 16 1.20 -1.05 -14.51
CA SER A 16 1.78 0.19 -15.02
C SER A 16 2.65 -0.11 -16.25
N ALA A 17 3.41 -1.22 -16.24
CA ALA A 17 4.39 -1.50 -17.31
C ALA A 17 3.80 -2.21 -18.54
N GLY A 18 2.57 -2.69 -18.41
CA GLY A 18 1.95 -3.53 -19.43
C GLY A 18 2.27 -5.02 -19.30
N THR A 19 3.49 -5.33 -18.83
CA THR A 19 3.97 -6.71 -18.77
C THR A 19 3.77 -7.40 -17.39
N GLN A 20 2.79 -6.93 -16.63
CA GLN A 20 2.56 -7.43 -15.26
C GLN A 20 2.33 -8.95 -15.27
N GLU A 21 3.11 -9.61 -14.42
CA GLU A 21 3.03 -11.06 -14.20
C GLU A 21 2.11 -11.36 -12.99
N SER A 22 1.85 -12.64 -12.69
CA SER A 22 0.92 -12.94 -11.59
C SER A 22 1.51 -12.43 -10.27
N LEU A 23 0.65 -12.22 -9.29
CA LEU A 23 1.11 -11.83 -7.95
C LEU A 23 2.15 -12.82 -7.42
N ALA A 24 1.87 -14.12 -7.53
CA ALA A 24 2.83 -15.15 -6.99
C ALA A 24 4.19 -15.05 -7.64
N THR A 25 4.23 -14.72 -8.94
CA THR A 25 5.54 -14.55 -9.59
C THR A 25 6.43 -13.54 -8.87
N TYR A 26 5.86 -12.41 -8.47
CA TYR A 26 6.64 -11.40 -7.73
C TYR A 26 6.93 -11.83 -6.29
N CYS A 27 5.98 -12.50 -5.64
CA CYS A 27 6.29 -13.10 -4.32
C CYS A 27 7.43 -14.10 -4.30
N GLU A 28 7.62 -14.82 -5.41
CA GLU A 28 8.63 -15.88 -5.53
C GLU A 28 9.98 -15.32 -5.94
N SER A 29 10.06 -14.00 -6.12
CA SER A 29 11.30 -13.38 -6.59
C SER A 29 12.28 -13.05 -5.49
N SER A 30 11.81 -12.95 -4.24
CA SER A 30 12.72 -12.60 -3.12
C SER A 30 13.28 -11.16 -3.13
N ASP A 31 12.78 -10.33 -4.05
CA ASP A 31 13.17 -8.92 -4.10
C ASP A 31 12.18 -8.00 -3.35
N ALA A 32 11.02 -8.53 -2.96
CA ALA A 32 10.03 -7.73 -2.25
C ALA A 32 9.36 -8.48 -1.11
N ASP A 33 8.90 -7.74 -0.10
CA ASP A 33 8.44 -8.30 1.18
C ASP A 33 6.94 -8.05 1.46
N ILE A 34 6.45 -6.91 1.01
CA ILE A 34 5.05 -6.46 1.22
C ILE A 34 4.42 -6.12 -0.11
N PHE A 35 3.21 -6.66 -0.35
CA PHE A 35 2.53 -6.51 -1.64
C PHE A 35 1.22 -5.81 -1.40
N LEU A 36 0.95 -4.75 -2.14
CA LEU A 36 -0.26 -3.95 -1.95
C LEU A 36 -1.11 -4.15 -3.15
N LEU A 37 -2.22 -4.91 -3.00
CA LEU A 37 -3.09 -5.18 -4.13
C LEU A 37 -3.93 -3.97 -4.59
N SER A 38 -3.75 -3.55 -5.83
CA SER A 38 -4.23 -2.26 -6.33
C SER A 38 -5.25 -2.52 -7.43
N PHE A 39 -6.56 -2.28 -7.20
CA PHE A 39 -7.11 -1.60 -6.02
C PHE A 39 -8.55 -2.05 -5.76
N LEU A 40 -9.01 -1.90 -4.53
CA LEU A 40 -10.48 -1.78 -4.30
C LEU A 40 -10.77 -0.33 -4.64
N ASN A 41 -11.11 -0.09 -5.90
CA ASN A 41 -11.23 1.30 -6.38
C ASN A 41 -12.62 1.89 -6.28
N GLN A 42 -13.56 1.10 -5.73
CA GLN A 42 -14.97 1.54 -5.62
C GLN A 42 -15.50 1.11 -4.25
N PHE A 43 -16.00 2.05 -3.47
CA PHE A 43 -16.63 1.74 -2.16
C PHE A 43 -17.42 2.94 -1.68
N PRO A 44 -18.42 2.74 -0.77
CA PRO A 44 -18.86 1.54 -0.06
C PRO A 44 -19.40 0.40 -0.93
N THR A 45 -20.07 0.72 -2.03
CA THR A 45 -20.61 -0.32 -2.95
C THR A 45 -19.38 -0.95 -3.59
N LEU A 46 -19.09 -2.23 -3.28
CA LEU A 46 -17.76 -2.77 -3.60
C LEU A 46 -17.45 -2.89 -5.09
N GLY A 47 -16.22 -2.49 -5.46
CA GLY A 47 -15.72 -2.69 -6.82
C GLY A 47 -14.20 -2.80 -6.77
N LEU A 48 -13.67 -3.83 -7.42
CA LEU A 48 -12.20 -4.06 -7.50
C LEU A 48 -11.75 -3.95 -9.00
N ASN A 49 -10.48 -3.68 -9.18
CA ASN A 49 -9.92 -3.66 -10.54
C ASN A 49 -8.46 -4.12 -10.40
N PHE A 50 -8.06 -5.16 -11.15
CA PHE A 50 -6.65 -5.61 -11.15
C PHE A 50 -6.15 -5.82 -12.59
N ALA A 51 -6.60 -4.89 -13.44
CA ALA A 51 -6.24 -4.82 -14.85
C ALA A 51 -6.47 -6.18 -15.45
N ASN A 52 -5.46 -6.74 -16.13
CA ASN A 52 -5.59 -8.08 -16.79
C ASN A 52 -5.55 -9.32 -15.86
N ALA A 53 -5.27 -9.11 -14.58
CA ALA A 53 -5.05 -10.21 -13.64
C ALA A 53 -6.32 -10.85 -13.05
N CYS A 54 -7.47 -10.31 -13.40
CA CYS A 54 -8.70 -10.90 -12.92
C CYS A 54 -9.80 -10.31 -13.76
N SER A 55 -10.66 -11.17 -14.28
CA SER A 55 -11.79 -10.64 -15.04
C SER A 55 -13.11 -11.36 -14.77
N ASP A 56 -13.08 -12.52 -14.12
CA ASP A 56 -14.33 -13.22 -13.82
C ASP A 56 -15.04 -12.41 -12.74
N THR A 57 -16.35 -12.56 -12.68
CA THR A 57 -17.09 -11.85 -11.65
C THR A 57 -18.17 -12.79 -11.08
N PHE A 58 -18.66 -12.44 -9.90
CA PHE A 58 -19.96 -12.95 -9.41
C PHE A 58 -21.05 -12.43 -10.32
N SER A 59 -22.26 -13.00 -10.22
CA SER A 59 -23.36 -12.56 -11.06
C SER A 59 -23.62 -11.06 -10.96
N ASP A 60 -23.36 -10.49 -9.79
CA ASP A 60 -23.69 -9.09 -9.50
C ASP A 60 -22.58 -8.09 -9.93
N GLY A 61 -21.53 -8.62 -10.58
CA GLY A 61 -20.53 -7.78 -11.22
C GLY A 61 -19.27 -7.65 -10.40
N LEU A 62 -19.31 -8.07 -9.13
CA LEU A 62 -18.12 -7.92 -8.26
C LEU A 62 -17.02 -8.88 -8.74
N LEU A 63 -15.78 -8.43 -8.84
CA LEU A 63 -14.70 -9.33 -9.31
C LEU A 63 -14.57 -10.57 -8.42
N HIS A 64 -14.38 -11.72 -9.07
CA HIS A 64 -14.10 -12.97 -8.39
C HIS A 64 -12.77 -13.49 -8.93
N CYS A 65 -11.76 -13.58 -8.07
CA CYS A 65 -10.37 -13.72 -8.52
C CYS A 65 -9.69 -14.95 -7.90
N THR A 66 -9.92 -16.12 -8.48
CA THR A 66 -9.39 -17.37 -7.92
C THR A 66 -7.87 -17.46 -8.01
N GLN A 67 -7.29 -16.98 -9.10
CA GLN A 67 -5.82 -17.02 -9.20
C GLN A 67 -5.14 -16.09 -8.20
N ILE A 68 -5.66 -14.87 -8.06
CA ILE A 68 -5.15 -13.96 -7.01
C ILE A 68 -5.27 -14.59 -5.62
N ALA A 69 -6.43 -15.21 -5.33
CA ALA A 69 -6.65 -15.92 -4.08
C ALA A 69 -5.59 -16.98 -3.83
N GLU A 70 -5.31 -17.79 -4.85
CA GLU A 70 -4.30 -18.83 -4.73
C GLU A 70 -2.94 -18.20 -4.46
N ASP A 71 -2.65 -17.11 -5.16
CA ASP A 71 -1.36 -16.43 -5.06
C ASP A 71 -1.18 -15.72 -3.74
N ILE A 72 -2.25 -15.16 -3.20
CA ILE A 72 -2.17 -14.56 -1.84
C ILE A 72 -1.67 -15.64 -0.85
N GLU A 73 -2.26 -16.83 -0.93
CA GLU A 73 -1.89 -17.95 -0.04
C GLU A 73 -0.46 -18.39 -0.26
N THR A 74 -0.03 -18.44 -1.54
CA THR A 74 1.38 -18.80 -1.84
C THR A 74 2.30 -17.75 -1.26
N CYS A 75 1.95 -16.48 -1.48
CA CYS A 75 2.80 -15.37 -0.99
C CYS A 75 2.98 -15.49 0.52
N GLN A 76 1.88 -15.73 1.21
CA GLN A 76 1.90 -15.80 2.70
C GLN A 76 2.72 -16.98 3.16
N SER A 77 2.60 -18.11 2.48
CA SER A 77 3.45 -19.28 2.81
C SER A 77 4.95 -18.93 2.75
N LEU A 78 5.29 -18.02 1.85
CA LEU A 78 6.66 -17.61 1.66
C LEU A 78 7.07 -16.42 2.56
N GLY A 79 6.21 -16.10 3.53
CA GLY A 79 6.55 -15.09 4.51
C GLY A 79 6.23 -13.67 4.11
N LYS A 80 5.53 -13.50 2.99
CA LYS A 80 5.21 -12.14 2.50
C LYS A 80 3.90 -11.65 3.10
N LYS A 81 3.75 -10.33 3.22
CA LYS A 81 2.48 -9.72 3.67
C LYS A 81 1.76 -9.18 2.48
N VAL A 82 0.46 -9.44 2.39
CA VAL A 82 -0.31 -8.99 1.24
C VAL A 82 -1.49 -8.16 1.76
N LEU A 83 -1.48 -6.86 1.48
CA LEU A 83 -2.56 -5.96 1.91
C LEU A 83 -3.43 -5.57 0.74
N LEU A 84 -4.72 -5.35 0.99
CA LEU A 84 -5.59 -4.79 -0.04
C LEU A 84 -5.54 -3.27 -0.02
N SER A 85 -5.15 -2.64 -1.14
CA SER A 85 -5.09 -1.17 -1.22
C SER A 85 -6.43 -0.60 -1.70
N LEU A 86 -6.98 0.30 -0.88
CA LEU A 86 -8.21 1.02 -1.20
C LEU A 86 -7.95 2.33 -1.90
N GLY A 87 -8.69 2.58 -2.98
CA GLY A 87 -8.68 3.90 -3.58
C GLY A 87 -7.99 3.94 -4.89
N GLY A 88 -6.82 4.58 -4.88
CA GLY A 88 -6.03 4.78 -6.08
C GLY A 88 -6.39 6.10 -6.71
N ALA A 89 -5.48 6.61 -7.52
CA ALA A 89 -5.77 7.79 -8.33
C ALA A 89 -7.00 7.45 -9.18
N SER A 90 -7.89 8.39 -9.46
CA SER A 90 -9.11 8.02 -10.23
C SER A 90 -9.86 6.88 -9.51
N GLY A 91 -10.89 6.29 -10.09
CA GLY A 91 -11.66 5.40 -9.19
C GLY A 91 -12.62 6.22 -8.33
N SER A 92 -13.60 5.50 -7.76
CA SER A 92 -14.95 5.99 -7.47
C SER A 92 -15.38 5.66 -6.02
N TYR A 93 -15.02 6.54 -5.10
CA TYR A 93 -15.16 6.22 -3.68
C TYR A 93 -15.27 7.46 -2.81
N LEU A 94 -15.96 7.29 -1.68
CA LEU A 94 -16.19 8.38 -0.72
C LEU A 94 -16.94 7.82 0.48
N PHE A 95 -16.66 8.34 1.67
CA PHE A 95 -17.60 8.21 2.79
C PHE A 95 -18.32 9.50 3.09
N SER A 96 -19.63 9.40 3.27
CA SER A 96 -20.46 10.52 3.68
C SER A 96 -20.16 10.99 5.10
N ASP A 97 -19.92 10.03 6.00
CA ASP A 97 -19.59 10.29 7.41
C ASP A 97 -18.91 9.11 8.12
N ASP A 98 -18.55 9.33 9.39
CA ASP A 98 -17.86 8.32 10.20
C ASP A 98 -18.68 7.05 10.45
N SER A 99 -19.99 7.22 10.65
CA SER A 99 -20.87 6.09 10.87
CA SER A 99 -20.85 6.09 10.86
C SER A 99 -20.84 5.14 9.67
N GLN A 100 -20.94 5.70 8.46
CA GLN A 100 -20.86 4.90 7.22
C GLN A 100 -19.52 4.18 7.09
N ALA A 101 -18.44 4.85 7.47
CA ALA A 101 -17.10 4.26 7.41
C ALA A 101 -16.92 3.16 8.45
N GLU A 102 -17.53 3.33 9.62
CA GLU A 102 -17.48 2.28 10.64
C GLU A 102 -18.26 1.03 10.19
N THR A 103 -19.41 1.23 9.56
CA THR A 103 -20.16 0.09 8.98
C THR A 103 -19.24 -0.63 7.98
N PHE A 104 -18.54 0.17 7.18
CA PHE A 104 -17.66 -0.37 6.17
C PHE A 104 -16.47 -1.18 6.71
N ALA A 105 -16.02 -0.90 7.92
CA ALA A 105 -15.00 -1.76 8.59
C ALA A 105 -15.51 -3.20 8.68
N GLN A 106 -16.76 -3.35 9.12
CA GLN A 106 -17.35 -4.67 9.19
C GLN A 106 -17.42 -5.34 7.82
N THR A 107 -17.80 -4.57 6.80
CA THR A 107 -17.88 -5.10 5.44
C THR A 107 -16.50 -5.61 4.94
N LEU A 108 -15.44 -4.86 5.19
CA LEU A 108 -14.11 -5.29 4.81
C LEU A 108 -13.70 -6.55 5.55
N TRP A 109 -14.04 -6.62 6.83
CA TRP A 109 -13.66 -7.74 7.66
C TRP A 109 -14.34 -9.01 7.17
N ASP A 110 -15.63 -8.90 6.88
CA ASP A 110 -16.39 -10.06 6.42
C ASP A 110 -16.08 -10.45 4.95
N THR A 111 -15.71 -9.48 4.14
CA THR A 111 -15.42 -9.74 2.70
C THR A 111 -14.01 -10.21 2.43
N PHE A 112 -13.04 -9.59 3.11
CA PHE A 112 -11.61 -9.81 2.87
C PHE A 112 -10.83 -10.42 4.03
N GLY A 113 -11.34 -10.23 5.25
CA GLY A 113 -10.62 -10.68 6.44
C GLY A 113 -11.16 -11.98 6.99
N GLU A 114 -11.14 -12.08 8.32
CA GLU A 114 -11.55 -13.33 8.96
C GLU A 114 -12.96 -13.27 9.49
N GLY A 115 -13.70 -12.22 9.13
CA GLY A 115 -15.09 -12.08 9.52
C GLY A 115 -15.89 -13.24 8.95
N THR A 116 -16.96 -13.60 9.66
CA THR A 116 -17.76 -14.82 9.38
C THR A 116 -19.10 -14.47 8.76
N GLY A 117 -19.37 -13.17 8.60
CA GLY A 117 -20.61 -12.70 7.97
C GLY A 117 -20.61 -13.17 6.53
N ALA A 118 -21.65 -13.93 6.17
CA ALA A 118 -21.72 -14.55 4.84
C ALA A 118 -21.96 -13.47 3.78
N SER A 119 -20.93 -13.22 3.00
CA SER A 119 -21.03 -12.30 1.87
C SER A 119 -20.03 -12.72 0.78
N GLU A 120 -20.13 -12.12 -0.41
CA GLU A 120 -19.37 -12.61 -1.55
C GLU A 120 -17.93 -12.33 -1.30
N ARG A 121 -17.08 -13.34 -1.45
CA ARG A 121 -15.63 -13.11 -1.23
C ARG A 121 -14.81 -13.16 -2.53
N PRO A 122 -14.30 -11.99 -2.98
CA PRO A 122 -13.53 -11.99 -4.23
C PRO A 122 -12.32 -12.94 -4.20
N PHE A 123 -11.76 -13.18 -3.03
CA PHE A 123 -10.57 -14.04 -2.90
C PHE A 123 -10.93 -15.32 -2.16
N ASP A 124 -12.20 -15.78 -2.28
CA ASP A 124 -12.58 -17.07 -1.71
C ASP A 124 -12.08 -17.19 -0.25
N SER A 125 -11.39 -18.30 0.07
CA SER A 125 -10.90 -18.56 1.42
C SER A 125 -9.64 -17.80 1.80
N ALA A 126 -9.00 -17.10 0.86
CA ALA A 126 -7.74 -16.39 1.18
C ALA A 126 -8.09 -15.20 2.06
N VAL A 127 -7.14 -14.77 2.89
CA VAL A 127 -7.39 -13.72 3.86
C VAL A 127 -6.25 -12.76 3.73
N VAL A 128 -6.56 -11.51 3.41
CA VAL A 128 -5.52 -10.48 3.34
C VAL A 128 -4.87 -10.25 4.68
N ASP A 129 -3.67 -9.66 4.65
CA ASP A 129 -3.00 -9.31 5.93
C ASP A 129 -3.31 -7.90 6.40
N GLY A 130 -4.23 -7.22 5.73
CA GLY A 130 -4.71 -5.93 6.19
C GLY A 130 -5.00 -5.04 4.97
N PHE A 131 -4.93 -3.72 5.17
CA PHE A 131 -5.43 -2.72 4.21
C PHE A 131 -4.52 -1.52 4.10
N ASP A 132 -4.37 -1.04 2.85
CA ASP A 132 -3.59 0.17 2.59
C ASP A 132 -4.58 1.23 2.15
N PHE A 133 -4.48 2.44 2.71
CA PHE A 133 -5.36 3.53 2.32
C PHE A 133 -4.68 4.46 1.32
N ASP A 134 -4.89 4.19 0.02
CA ASP A 134 -4.23 5.00 -1.00
C ASP A 134 -5.34 5.95 -1.51
N ILE A 135 -5.74 6.86 -0.63
CA ILE A 135 -6.87 7.78 -0.92
C ILE A 135 -6.25 8.95 -1.66
N GLU A 136 -6.81 9.27 -2.84
CA GLU A 136 -6.24 10.33 -3.68
C GLU A 136 -7.26 11.38 -4.17
N ASN A 137 -8.42 11.47 -3.53
CA ASN A 137 -9.49 12.36 -3.99
C ASN A 137 -9.64 13.62 -3.14
N ASN A 138 -8.67 13.87 -2.25
CA ASN A 138 -8.70 15.03 -1.34
C ASN A 138 -9.91 15.10 -0.40
N ASN A 139 -10.53 13.96 -0.13
CA ASN A 139 -11.60 13.91 0.82
C ASN A 139 -11.24 13.00 1.98
N GLU A 140 -11.19 13.54 3.20
CA GLU A 140 -10.64 12.75 4.33
C GLU A 140 -11.70 12.13 5.22
N VAL A 141 -12.96 12.24 4.81
CA VAL A 141 -14.03 11.81 5.69
C VAL A 141 -13.97 10.29 5.88
N GLY A 142 -14.03 9.89 7.13
CA GLY A 142 -14.29 8.49 7.45
C GLY A 142 -13.11 7.60 7.73
N TYR A 143 -11.91 7.95 7.22
CA TYR A 143 -10.84 6.94 7.19
C TYR A 143 -10.28 6.64 8.58
N SER A 144 -10.10 7.69 9.39
CA SER A 144 -9.68 7.49 10.78
CA SER A 144 -9.67 7.47 10.78
C SER A 144 -10.67 6.58 11.52
N ALA A 145 -11.97 6.84 11.36
CA ALA A 145 -12.99 6.04 12.00
C ALA A 145 -12.94 4.59 11.50
N LEU A 146 -12.74 4.42 10.20
CA LEU A 146 -12.65 3.09 9.58
C LEU A 146 -11.48 2.30 10.15
N ALA A 147 -10.33 2.96 10.22
CA ALA A 147 -9.13 2.32 10.71
C ALA A 147 -9.30 1.89 12.16
N THR A 148 -9.84 2.79 12.97
CA THR A 148 -10.03 2.52 14.38
C THR A 148 -10.96 1.30 14.61
N LYS A 149 -12.04 1.25 13.85
CA LYS A 149 -13.01 0.16 13.94
C LYS A 149 -12.38 -1.14 13.47
N LEU A 150 -11.64 -1.11 12.36
CA LEU A 150 -10.92 -2.32 11.91
C LEU A 150 -10.04 -2.88 13.03
N ARG A 151 -9.27 -2.06 13.72
CA ARG A 151 -8.42 -2.56 14.81
C ARG A 151 -9.20 -3.39 15.84
N THR A 152 -10.39 -2.92 16.22
CA THR A 152 -11.20 -3.67 17.16
C THR A 152 -11.60 -5.03 16.58
N LEU A 153 -11.89 -5.08 15.29
CA LEU A 153 -12.37 -6.32 14.68
C LEU A 153 -11.23 -7.33 14.52
N PHE A 154 -10.02 -6.82 14.27
CA PHE A 154 -8.84 -7.66 14.04
C PHE A 154 -8.59 -8.63 15.22
N ALA A 155 -9.02 -8.26 16.44
CA ALA A 155 -8.84 -9.12 17.62
C ALA A 155 -9.55 -10.47 17.47
N GLU A 156 -10.53 -10.52 16.57
CA GLU A 156 -11.28 -11.76 16.32
C GLU A 156 -10.48 -12.72 15.45
N GLY A 157 -9.47 -12.18 14.75
CA GLY A 157 -8.64 -12.96 13.83
C GLY A 157 -7.61 -13.83 14.52
N THR A 158 -6.77 -14.47 13.72
CA THR A 158 -5.83 -15.48 14.20
C THR A 158 -4.38 -15.20 13.78
N LYS A 159 -4.17 -14.00 13.26
CA LYS A 159 -2.86 -13.50 12.85
C LYS A 159 -2.82 -11.98 13.07
N GLN A 160 -1.63 -11.36 12.97
CA GLN A 160 -1.49 -9.93 13.09
C GLN A 160 -1.97 -9.31 11.79
N TYR A 161 -2.67 -8.18 11.90
CA TYR A 161 -3.08 -7.44 10.72
C TYR A 161 -2.41 -6.09 10.70
N TYR A 162 -2.32 -5.53 9.49
CA TYR A 162 -1.57 -4.28 9.25
C TYR A 162 -2.46 -3.25 8.55
N LEU A 163 -2.28 -1.98 8.91
CA LEU A 163 -2.94 -0.87 8.23
C LEU A 163 -1.84 0.09 7.78
N SER A 164 -1.97 0.58 6.56
CA SER A 164 -0.96 1.48 6.00
C SER A 164 -1.70 2.59 5.29
N ALA A 165 -0.97 3.66 5.01
CA ALA A 165 -1.52 4.75 4.21
C ALA A 165 -0.49 5.19 3.19
N ALA A 166 -0.97 5.76 2.09
CA ALA A 166 -0.13 6.15 0.99
C ALA A 166 -0.21 7.65 0.66
N PRO A 167 0.20 8.51 1.61
CA PRO A 167 0.19 9.96 1.35
C PRO A 167 1.16 10.31 0.23
N GLN A 168 0.92 11.43 -0.46
CA GLN A 168 1.98 12.00 -1.27
C GLN A 168 2.90 12.78 -0.33
N CYS A 169 4.09 13.14 -0.76
CA CYS A 169 5.04 13.78 0.14
C CYS A 169 4.67 15.15 0.74
N PRO A 170 3.83 15.96 0.04
CA PRO A 170 3.51 17.22 0.73
C PRO A 170 2.80 16.96 2.03
N TYR A 171 3.21 17.69 3.07
CA TYR A 171 2.67 17.52 4.42
C TYR A 171 1.93 18.76 4.92
N PRO A 172 0.70 18.60 5.43
CA PRO A 172 -0.03 17.35 5.59
C PRO A 172 -0.73 16.92 4.29
N ASP A 173 -0.93 15.62 4.15
CA ASP A 173 -1.62 15.05 2.99
C ASP A 173 -3.13 15.31 3.04
N ALA A 174 -3.67 15.84 1.94
CA ALA A 174 -5.06 16.30 1.88
C ALA A 174 -6.07 15.17 1.85
N SER A 175 -5.59 13.94 1.67
CA SER A 175 -6.49 12.79 1.65
C SER A 175 -6.37 11.86 2.88
N VAL A 176 -5.14 11.59 3.31
CA VAL A 176 -4.92 10.67 4.43
C VAL A 176 -4.28 11.36 5.62
N GLY A 177 -4.24 12.69 5.58
CA GLY A 177 -3.60 13.42 6.70
C GLY A 177 -4.34 13.14 8.01
N ASP A 178 -5.67 13.18 7.95
CA ASP A 178 -6.48 12.97 9.15
C ASP A 178 -6.26 11.55 9.66
N LEU A 179 -6.36 10.57 8.77
CA LEU A 179 -6.07 9.17 9.08
C LEU A 179 -4.74 9.01 9.83
N LEU A 180 -3.69 9.64 9.29
CA LEU A 180 -2.36 9.54 9.86
C LEU A 180 -2.22 10.23 11.22
N GLU A 181 -3.04 11.24 11.48
CA GLU A 181 -2.97 12.01 12.74
C GLU A 181 -3.84 11.41 13.85
N ASN A 182 -4.82 10.60 13.45
CA ASN A 182 -5.88 10.22 14.38
C ASN A 182 -6.17 8.72 14.48
N ALA A 183 -5.41 7.91 13.76
CA ALA A 183 -5.53 6.46 13.89
C ALA A 183 -4.18 5.78 14.01
N ASP A 184 -4.20 4.52 14.44
CA ASP A 184 -3.01 3.72 14.65
C ASP A 184 -2.64 3.01 13.35
N ILE A 185 -1.51 3.41 12.78
CA ILE A 185 -1.12 3.01 11.43
C ILE A 185 0.25 2.37 11.51
N ASP A 186 0.39 1.21 10.85
CA ASP A 186 1.65 0.47 10.85
C ASP A 186 2.70 1.05 9.93
N PHE A 187 2.27 1.43 8.72
CA PHE A 187 3.19 1.88 7.67
C PHE A 187 2.62 3.08 6.92
N ALA A 188 3.50 4.03 6.64
CA ALA A 188 3.22 5.15 5.69
C ALA A 188 4.09 4.98 4.48
N PHE A 189 3.49 4.60 3.36
CA PHE A 189 4.19 4.55 2.09
C PHE A 189 4.10 5.92 1.41
N ILE A 190 5.09 6.78 1.69
CA ILE A 190 5.06 8.17 1.24
C ILE A 190 5.51 8.29 -0.23
N GLN A 191 4.65 8.86 -1.09
CA GLN A 191 4.99 9.00 -2.50
C GLN A 191 5.89 10.20 -2.73
N PHE A 192 7.20 9.94 -2.86
CA PHE A 192 8.17 10.97 -3.18
C PHE A 192 8.31 11.09 -4.71
N TYR A 193 7.18 11.31 -5.37
CA TYR A 193 7.13 11.43 -6.82
C TYR A 193 5.87 12.20 -7.21
N ASN A 194 5.85 12.72 -8.44
CA ASN A 194 4.79 13.58 -8.93
C ASN A 194 4.59 14.85 -8.05
N ASN A 195 5.66 15.32 -7.42
CA ASN A 195 5.55 16.35 -6.38
C ASN A 195 6.87 17.06 -6.16
N TYR A 196 6.81 18.26 -5.56
CA TYR A 196 7.98 19.14 -5.39
C TYR A 196 8.99 18.57 -4.39
N CYS A 197 8.52 17.64 -3.56
CA CYS A 197 9.28 17.13 -2.41
C CYS A 197 9.94 15.77 -2.69
N SER A 198 10.04 15.40 -3.97
CA SER A 198 10.74 14.19 -4.33
C SER A 198 12.21 14.29 -3.94
N VAL A 199 12.91 13.15 -3.99
CA VAL A 199 14.32 13.08 -3.59
C VAL A 199 15.21 14.14 -4.27
N SER A 200 15.05 14.33 -5.59
CA SER A 200 15.87 15.34 -6.29
C SER A 200 15.24 16.74 -6.29
N GLY A 201 14.03 16.83 -5.76
CA GLY A 201 13.36 18.11 -5.52
C GLY A 201 13.76 18.68 -4.17
N GLN A 202 12.78 19.18 -3.41
CA GLN A 202 13.03 19.63 -2.06
C GLN A 202 12.54 18.54 -1.08
N PHE A 203 13.38 17.51 -0.95
CA PHE A 203 13.09 16.25 -0.25
C PHE A 203 12.77 16.53 1.22
N ASN A 204 11.58 16.09 1.65
CA ASN A 204 11.07 16.49 2.96
C ASN A 204 10.85 15.34 3.94
N TRP A 205 11.70 14.32 3.83
CA TRP A 205 11.77 13.23 4.81
C TRP A 205 11.77 13.73 6.25
N ASP A 206 12.56 14.77 6.52
CA ASP A 206 12.64 15.34 7.87
CA ASP A 206 12.64 15.42 7.83
C ASP A 206 11.28 15.73 8.45
N THR A 207 10.37 16.26 7.62
CA THR A 207 9.04 16.60 8.09
C THR A 207 8.28 15.31 8.48
N TRP A 208 8.41 14.29 7.64
CA TRP A 208 7.75 13.01 7.89
C TRP A 208 8.33 12.34 9.14
N LEU A 209 9.62 12.55 9.40
CA LEU A 209 10.21 12.03 10.60
C LEU A 209 9.60 12.72 11.84
N THR A 210 9.46 14.04 11.81
CA THR A 210 8.79 14.77 12.90
C THR A 210 7.38 14.23 13.11
N TYR A 211 6.67 14.00 12.02
CA TYR A 211 5.33 13.42 12.09
C TYR A 211 5.42 12.08 12.83
N ALA A 212 6.39 11.23 12.46
CA ALA A 212 6.45 9.89 13.06
C ALA A 212 6.72 9.93 14.59
N GLN A 213 7.63 10.80 15.01
CA GLN A 213 8.07 10.88 16.39
C GLN A 213 7.16 11.66 17.35
N THR A 214 6.19 12.37 16.80
CA THR A 214 5.61 13.47 17.52
C THR A 214 4.09 13.61 17.32
N VAL A 215 3.59 13.15 16.18
CA VAL A 215 2.19 13.31 15.82
C VAL A 215 1.47 11.98 15.73
N SER A 216 2.08 11.02 15.05
CA SER A 216 1.46 9.71 14.81
C SER A 216 1.01 9.08 16.13
N PRO A 217 -0.28 8.73 16.24
CA PRO A 217 -0.71 7.97 17.41
C PRO A 217 0.14 6.74 17.67
N ASN A 218 0.48 6.00 16.61
CA ASN A 218 1.48 4.93 16.72
C ASN A 218 2.90 5.51 16.62
N LYS A 219 3.59 5.61 17.76
CA LYS A 219 4.96 6.14 17.79
C LYS A 219 5.95 5.24 17.06
N ASN A 220 5.52 4.01 16.84
CA ASN A 220 6.36 3.01 16.19
CA ASN A 220 6.32 2.96 16.18
C ASN A 220 6.00 2.87 14.70
N ILE A 221 5.30 3.88 14.16
CA ILE A 221 4.98 3.86 12.73
C ILE A 221 6.27 3.77 11.92
N LYS A 222 6.22 2.97 10.85
CA LYS A 222 7.38 2.83 9.93
C LYS A 222 7.13 3.61 8.66
N LEU A 223 8.08 4.49 8.33
CA LEU A 223 8.01 5.36 7.18
C LEU A 223 8.81 4.74 6.05
N PHE A 224 8.20 4.74 4.88
CA PHE A 224 8.78 4.19 3.66
C PHE A 224 9.02 5.25 2.59
N LEU A 225 10.19 5.16 1.96
CA LEU A 225 10.56 5.99 0.83
C LEU A 225 9.85 5.45 -0.42
N GLY A 226 8.70 6.03 -0.79
CA GLY A 226 7.93 5.57 -1.96
C GLY A 226 8.47 6.17 -3.24
N LEU A 227 8.82 5.30 -4.19
CA LEU A 227 9.47 5.72 -5.44
C LEU A 227 8.85 5.12 -6.68
N PRO A 228 8.97 5.80 -7.85
CA PRO A 228 8.53 5.13 -9.09
C PRO A 228 9.49 4.01 -9.44
N GLY A 229 8.97 2.93 -10.00
CA GLY A 229 9.80 1.77 -10.32
C GLY A 229 10.56 1.88 -11.63
N SER A 230 10.27 2.91 -12.41
CA SER A 230 10.94 3.09 -13.71
C SER A 230 10.68 4.51 -14.17
N ALA A 231 11.40 4.92 -15.21
CA ALA A 231 11.20 6.24 -15.79
C ALA A 231 9.77 6.43 -16.28
N SER A 232 9.09 5.34 -16.67
CA SER A 232 7.74 5.44 -17.21
C SER A 232 6.61 5.19 -16.18
N ALA A 233 6.99 4.98 -14.91
CA ALA A 233 6.01 4.69 -13.86
C ALA A 233 5.32 5.93 -13.27
N ALA A 234 5.94 7.09 -13.44
CA ALA A 234 5.38 8.37 -12.98
C ALA A 234 5.91 9.53 -13.84
N GLY A 235 5.23 10.67 -13.80
CA GLY A 235 5.65 11.83 -14.60
C GLY A 235 7.04 12.35 -14.22
N SER A 236 7.27 12.39 -12.90
CA SER A 236 8.54 12.84 -12.31
C SER A 236 8.87 12.11 -11.01
N GLY A 237 10.15 12.13 -10.64
CA GLY A 237 10.59 11.56 -9.35
C GLY A 237 11.38 10.26 -9.41
N TYR A 238 11.46 9.67 -10.59
CA TYR A 238 12.24 8.46 -10.78
C TYR A 238 13.74 8.73 -10.55
N ILE A 239 14.40 7.86 -9.80
CA ILE A 239 15.85 7.97 -9.55
C ILE A 239 16.66 6.82 -10.14
N SER A 240 17.58 7.16 -11.03
CA SER A 240 18.38 6.15 -11.69
C SER A 240 19.84 6.28 -11.28
N ASP A 241 20.14 7.34 -10.50
CA ASP A 241 21.46 7.59 -9.94
C ASP A 241 21.62 6.74 -8.67
N THR A 242 22.35 5.64 -8.79
CA THR A 242 22.49 4.69 -7.67
C THR A 242 23.28 5.31 -6.52
N SER A 243 24.14 6.28 -6.82
CA SER A 243 24.86 7.06 -5.81
C SER A 243 23.88 7.84 -4.94
N LEU A 244 22.93 8.50 -5.59
CA LEU A 244 21.91 9.30 -4.90
C LEU A 244 21.02 8.41 -4.04
N LEU A 245 20.55 7.31 -4.62
CA LEU A 245 19.85 6.25 -3.87
C LEU A 245 20.61 5.80 -2.62
N GLU A 246 21.89 5.47 -2.80
CA GLU A 246 22.76 5.05 -1.68
C GLU A 246 22.83 6.08 -0.57
N SER A 247 23.06 7.33 -0.94
CA SER A 247 23.22 8.42 0.01
C SER A 247 21.88 8.78 0.65
N THR A 248 20.83 8.78 -0.15
CA THR A 248 19.47 8.98 0.37
C THR A 248 19.17 7.96 1.48
N ILE A 249 19.30 6.68 1.15
CA ILE A 249 19.15 5.58 2.11
C ILE A 249 20.03 5.75 3.35
N ALA A 250 21.29 6.11 3.16
CA ALA A 250 22.20 6.36 4.28
C ALA A 250 21.68 7.46 5.21
N ASP A 251 21.13 8.53 4.63
CA ASP A 251 20.59 9.65 5.41
C ASP A 251 19.40 9.24 6.28
N ILE A 252 18.47 8.50 5.68
CA ILE A 252 17.16 8.22 6.29
C ILE A 252 17.08 6.90 7.08
N ALA A 253 18.01 5.97 6.83
CA ALA A 253 18.01 4.69 7.55
C ALA A 253 18.55 4.78 8.98
N SER A 254 19.02 5.95 9.37
CA SER A 254 19.63 6.14 10.68
C SER A 254 18.63 6.41 11.82
N SER A 255 17.33 6.14 11.59
CA SER A 255 16.33 6.20 12.67
C SER A 255 15.50 4.93 12.75
N SER A 256 14.90 4.69 13.92
CA SER A 256 14.01 3.55 14.13
C SER A 256 12.71 3.71 13.33
N SER A 257 12.44 4.94 12.86
CA SER A 257 11.18 5.17 12.08
C SER A 257 11.25 4.72 10.61
N PHE A 258 12.45 4.44 10.12
CA PHE A 258 12.63 4.01 8.73
C PHE A 258 12.24 2.56 8.53
N GLY A 259 11.32 2.34 7.60
CA GLY A 259 10.78 1.02 7.32
C GLY A 259 11.33 0.36 6.07
N GLY A 260 11.77 1.17 5.09
CA GLY A 260 12.21 0.66 3.80
C GLY A 260 11.74 1.51 2.62
N ILE A 261 11.57 0.86 1.47
CA ILE A 261 11.25 1.52 0.21
C ILE A 261 9.93 0.96 -0.27
N ALA A 262 9.10 1.80 -0.87
CA ALA A 262 7.89 1.31 -1.53
C ALA A 262 7.98 1.70 -3.01
N LEU A 263 7.40 0.87 -3.89
CA LEU A 263 7.51 1.13 -5.34
C LEU A 263 6.19 1.09 -6.04
N TRP A 264 5.96 2.09 -6.91
CA TRP A 264 4.85 2.02 -7.83
C TRP A 264 5.41 1.72 -9.22
N ASP A 265 5.24 0.51 -9.77
CA ASP A 265 4.62 -0.66 -9.14
C ASP A 265 5.49 -1.88 -9.45
N ALA A 266 4.99 -3.08 -9.17
CA ALA A 266 5.78 -4.31 -9.32
C ALA A 266 6.15 -4.54 -10.81
N SER A 267 5.17 -4.48 -11.70
CA SER A 267 5.43 -4.62 -13.14
C SER A 267 6.58 -3.73 -13.58
N GLN A 268 6.60 -2.48 -13.12
CA GLN A 268 7.70 -1.56 -13.48
C GLN A 268 9.04 -1.89 -12.84
N ALA A 269 9.07 -2.02 -11.51
CA ALA A 269 10.33 -2.18 -10.75
C ALA A 269 11.04 -3.52 -11.06
N PHE A 270 10.27 -4.51 -11.48
CA PHE A 270 10.82 -5.83 -11.82
C PHE A 270 11.33 -5.94 -13.26
N SER A 271 10.75 -5.15 -14.15
CA SER A 271 11.12 -5.18 -15.56
C SER A 271 12.14 -4.08 -15.92
N ASN A 272 12.08 -2.94 -15.24
CA ASN A 272 13.08 -1.91 -15.41
C ASN A 272 14.48 -2.37 -14.95
N GLU A 273 15.43 -2.46 -15.89
CA GLU A 273 16.79 -2.94 -15.57
C GLU A 273 17.82 -1.84 -15.64
N LEU A 274 18.78 -1.86 -14.72
CA LEU A 274 19.70 -0.74 -14.58
C LEU A 274 21.14 -1.19 -14.36
N GLY A 276 22.38 -4.23 -15.93
CA GLY A 276 21.38 -5.21 -16.35
C GLY A 276 20.79 -6.02 -15.20
N GLU A 277 20.34 -5.30 -14.17
CA GLU A 277 19.82 -5.91 -12.96
C GLU A 277 18.49 -5.23 -12.66
N PRO A 278 17.45 -6.01 -12.28
CA PRO A 278 16.17 -5.37 -11.96
C PRO A 278 16.28 -4.26 -10.91
N TYR A 279 15.57 -3.18 -11.17
CA TYR A 279 15.52 -2.02 -10.27
C TYR A 279 15.15 -2.41 -8.83
N VAL A 280 14.17 -3.28 -8.66
CA VAL A 280 13.77 -3.77 -7.33
C VAL A 280 14.91 -4.51 -6.61
N GLU A 281 15.75 -5.19 -7.38
CA GLU A 281 16.88 -5.96 -6.83
C GLU A 281 17.97 -5.00 -6.37
N ILE A 282 18.20 -3.97 -7.17
CA ILE A 282 19.18 -2.95 -6.84
C ILE A 282 18.85 -2.32 -5.51
N LEU A 283 17.55 -2.07 -5.28
CA LEU A 283 17.08 -1.40 -4.08
C LEU A 283 17.10 -2.32 -2.88
N LYS A 284 16.65 -3.55 -3.08
CA LYS A 284 16.67 -4.56 -2.02
C LYS A 284 18.10 -4.67 -1.51
N ASN A 285 19.04 -4.68 -2.45
CA ASN A 285 20.43 -4.83 -2.09
C ASN A 285 21.03 -3.62 -1.37
N LEU A 286 20.59 -2.41 -1.74
CA LEU A 286 21.04 -1.20 -1.04
C LEU A 286 20.50 -1.14 0.39
N LEU A 287 19.28 -1.64 0.60
CA LEU A 287 18.71 -1.72 1.93
C LEU A 287 19.50 -2.66 2.84
N THR A 288 19.83 -3.84 2.34
CA THR A 288 20.51 -4.88 3.12
C THR A 288 21.79 -4.33 3.78
N SER A 289 22.58 -3.57 3.04
CA SER A 289 23.67 -2.80 3.64
C SER A 289 23.15 -1.46 4.16
N ALA A 290 22.67 -0.62 3.41
#